data_7C8W
#
_entry.id   7C8W
#
_cell.length_a   73.691
_cell.length_b   73.691
_cell.length_c   158.577
_cell.angle_alpha   90.000
_cell.angle_beta   90.000
_cell.angle_gamma   120.000
#
_symmetry.space_group_name_H-M   'P 32 2 1'
#
loop_
_entity.id
_entity.type
_entity.pdbx_description
1 polymer 'Synthetic nanobody MR17'
2 polymer 'Spike protein S1'
3 branched alpha-L-fucopyranose-(1-3)-[2-acetamido-2-deoxy-beta-D-glucopyranose-(1-4)][alpha-L-fucopyranose-(1-6)]2-acetamido-2-deoxy-beta-D-glucopyranose
4 non-polymer GLYCEROL
#
loop_
_entity_poly.entity_id
_entity_poly.type
_entity_poly.pdbx_seq_one_letter_code
_entity_poly.pdbx_strand_id
1 'polypeptide(L)'
;QVQLVESGGGLVQAGGSLRLSCAASGFPVEVWRMEWYRQAPGKEREGVAAIESYGHGTRYADSVKGRFTISRDNAKNTVY
LQMNSLKPEDTAVYYCNVKDDGQLAYHYDYWGQGTQVTVSAG
;
A
2 'polypeptide(L)'
;AGSPNITNLCPFGEVFNATRFASVYAWNRKRISNCVADYSVLYNSASFSTFKCYGVSPTKLNDLCFTNVYADSFVIRGDE
VRQIAPGQTGKIADYNYKLPDDFTGCVIAWNSNNLDSKVGGNYNYLYRLFRKSNLKPFERDISTEIYQAGSTPCNGVEGF
NCYFPLQSYGFQPTNGVGYQPYRVVVLSFELLHAPATVCGPKKSTGTLEVLFQ
;
B
#
# COMPACT_ATOMS: atom_id res chain seq x y z
N GLN A 1 -10.93 -11.11 16.12
CA GLN A 1 -11.99 -10.23 15.61
C GLN A 1 -12.05 -10.28 14.09
N VAL A 2 -10.88 -10.27 13.45
CA VAL A 2 -10.79 -10.32 12.00
C VAL A 2 -10.98 -11.76 11.55
N GLN A 3 -11.88 -11.98 10.58
CA GLN A 3 -12.32 -13.34 10.28
C GLN A 3 -12.91 -13.41 8.88
N LEU A 4 -12.70 -14.57 8.22
CA LEU A 4 -13.31 -14.86 6.92
C LEU A 4 -14.06 -16.18 6.99
N VAL A 5 -15.37 -16.13 6.74
CA VAL A 5 -16.26 -17.29 6.83
C VAL A 5 -16.83 -17.60 5.45
N GLU A 6 -16.51 -18.79 4.93
CA GLU A 6 -17.09 -19.27 3.67
C GLU A 6 -18.45 -19.90 3.92
N SER A 7 -19.35 -19.76 2.94
CA SER A 7 -20.64 -20.42 3.05
C SER A 7 -21.10 -20.85 1.66
N GLY A 8 -22.08 -21.78 1.66
CA GLY A 8 -22.62 -22.34 0.44
C GLY A 8 -21.76 -23.47 -0.09
N GLY A 9 -22.19 -24.04 -1.21
CA GLY A 9 -21.57 -25.21 -1.80
C GLY A 9 -22.46 -26.44 -1.72
N GLY A 10 -21.84 -27.60 -1.93
CA GLY A 10 -22.55 -28.86 -1.93
C GLY A 10 -22.50 -29.54 -3.29
N LEU A 11 -23.53 -30.35 -3.57
CA LEU A 11 -23.59 -31.23 -4.73
C LEU A 11 -24.48 -30.68 -5.84
N VAL A 12 -23.99 -30.75 -7.07
CA VAL A 12 -24.71 -30.20 -8.22
C VAL A 12 -24.37 -31.02 -9.47
N GLN A 13 -25.35 -31.18 -10.36
CA GLN A 13 -25.10 -31.90 -11.62
C GLN A 13 -24.41 -30.98 -12.62
N ALA A 14 -23.51 -31.56 -13.42
CA ALA A 14 -22.83 -30.80 -14.46
C ALA A 14 -23.85 -29.99 -15.26
N GLY A 15 -23.50 -28.74 -15.56
CA GLY A 15 -24.45 -27.75 -16.07
C GLY A 15 -25.18 -26.99 -15.00
N GLY A 16 -25.00 -27.36 -13.72
CA GLY A 16 -25.70 -26.75 -12.62
C GLY A 16 -25.09 -25.45 -12.14
N SER A 17 -25.74 -24.86 -11.14
CA SER A 17 -25.43 -23.52 -10.66
C SER A 17 -25.22 -23.56 -9.16
N LEU A 18 -24.47 -22.57 -8.64
CA LEU A 18 -24.10 -22.52 -7.22
C LEU A 18 -23.56 -21.15 -6.88
N ARG A 19 -23.79 -20.70 -5.64
CA ARG A 19 -23.25 -19.43 -5.17
C ARG A 19 -22.58 -19.58 -3.81
N LEU A 20 -21.30 -19.24 -3.75
CA LEU A 20 -20.53 -19.25 -2.51
C LEU A 20 -20.39 -17.82 -2.00
N SER A 21 -20.47 -17.66 -0.69
CA SER A 21 -20.34 -16.35 -0.05
C SER A 21 -19.20 -16.38 0.96
N CYS A 22 -18.46 -15.27 1.05
CA CYS A 22 -17.33 -15.06 1.96
C CYS A 22 -17.68 -13.88 2.83
N ALA A 23 -17.94 -14.12 4.12
CA ALA A 23 -18.37 -13.07 5.02
C ALA A 23 -17.19 -12.59 5.86
N ALA A 24 -16.79 -11.33 5.66
CA ALA A 24 -15.63 -10.79 6.34
C ALA A 24 -16.07 -10.00 7.56
N SER A 25 -15.28 -10.12 8.63
CA SER A 25 -15.45 -9.36 9.86
CA SER A 25 -15.45 -9.36 9.86
C SER A 25 -14.14 -8.67 10.19
N GLY A 26 -14.25 -7.48 10.78
CA GLY A 26 -13.09 -6.74 11.22
C GLY A 26 -12.54 -5.72 10.27
N PHE A 27 -12.99 -5.68 9.01
CA PHE A 27 -12.53 -4.69 8.05
C PHE A 27 -13.59 -4.55 6.96
N PRO A 28 -13.54 -3.48 6.17
CA PRO A 28 -14.47 -3.34 5.04
C PRO A 28 -13.91 -4.03 3.79
N VAL A 29 -14.74 -4.90 3.19
CA VAL A 29 -14.30 -5.68 2.04
C VAL A 29 -13.97 -4.85 0.82
N GLU A 30 -14.30 -3.57 0.80
CA GLU A 30 -13.93 -2.80 -0.38
C GLU A 30 -12.49 -2.31 -0.37
N VAL A 31 -11.80 -2.29 0.78
CA VAL A 31 -10.54 -1.52 0.86
C VAL A 31 -9.40 -2.26 0.16
N TRP A 32 -9.37 -3.59 0.24
CA TRP A 32 -8.35 -4.40 -0.42
C TRP A 32 -8.99 -5.36 -1.41
N ARG A 33 -8.13 -5.89 -2.29
CA ARG A 33 -8.52 -6.96 -3.20
C ARG A 33 -8.94 -8.22 -2.44
N MET A 34 -10.06 -8.82 -2.84
CA MET A 34 -10.55 -10.07 -2.28
C MET A 34 -10.47 -11.18 -3.33
N GLU A 35 -10.19 -12.41 -2.90
CA GLU A 35 -9.89 -13.50 -3.81
C GLU A 35 -10.67 -14.77 -3.48
N TRP A 36 -10.98 -15.58 -4.51
CA TRP A 36 -11.41 -16.96 -4.34
C TRP A 36 -10.35 -17.88 -4.93
N TYR A 37 -9.94 -18.88 -4.14
CA TYR A 37 -9.07 -19.98 -4.55
C TYR A 37 -9.81 -21.31 -4.46
N ARG A 38 -9.32 -22.29 -5.21
CA ARG A 38 -9.81 -23.66 -5.08
C ARG A 38 -8.65 -24.64 -5.14
N GLN A 39 -8.79 -25.74 -4.41
CA GLN A 39 -7.80 -26.80 -4.40
C GLN A 39 -8.47 -28.13 -4.74
N ALA A 40 -8.37 -28.56 -6.01
CA ALA A 40 -8.81 -29.91 -6.37
C ALA A 40 -7.95 -30.96 -5.66
N PRO A 41 -8.46 -32.19 -5.53
CA PRO A 41 -7.68 -33.24 -4.86
C PRO A 41 -6.44 -33.62 -5.66
N GLY A 42 -5.33 -33.81 -4.94
CA GLY A 42 -4.07 -34.10 -5.60
C GLY A 42 -3.65 -33.08 -6.63
N LYS A 43 -3.99 -31.80 -6.41
CA LYS A 43 -3.51 -30.70 -7.24
C LYS A 43 -3.19 -29.54 -6.31
N GLU A 44 -2.50 -28.54 -6.84
CA GLU A 44 -2.13 -27.36 -6.08
C GLU A 44 -3.22 -26.29 -6.18
N ARG A 45 -3.26 -25.40 -5.17
CA ARG A 45 -4.26 -24.33 -5.14
C ARG A 45 -4.20 -23.50 -6.42
N GLU A 46 -5.37 -23.15 -6.93
CA GLU A 46 -5.52 -22.33 -8.13
C GLU A 46 -6.32 -21.08 -7.78
N GLY A 47 -5.92 -19.96 -8.38
CA GLY A 47 -6.65 -18.72 -8.26
C GLY A 47 -7.80 -18.70 -9.24
N VAL A 48 -9.01 -18.53 -8.72
CA VAL A 48 -10.21 -18.65 -9.55
C VAL A 48 -10.66 -17.28 -10.03
N ALA A 49 -10.94 -16.39 -9.08
CA ALA A 49 -11.40 -15.05 -9.35
C ALA A 49 -10.94 -14.10 -8.24
N ALA A 50 -10.90 -12.82 -8.58
CA ALA A 50 -10.59 -11.76 -7.63
C ALA A 50 -11.37 -10.52 -8.02
N ILE A 51 -11.76 -9.73 -7.00
CA ILE A 51 -12.30 -8.39 -7.20
C ILE A 51 -11.39 -7.39 -6.47
N GLU A 52 -10.86 -6.44 -7.23
CA GLU A 52 -9.95 -5.44 -6.68
C GLU A 52 -10.70 -4.47 -5.77
N SER A 53 -9.93 -3.76 -4.98
CA SER A 53 -10.47 -2.71 -4.14
C SER A 53 -11.25 -1.72 -4.98
N TYR A 54 -12.32 -1.16 -4.37
CA TYR A 54 -12.95 0.08 -4.82
C TYR A 54 -13.40 0.03 -6.27
N GLY A 55 -13.92 -1.10 -6.71
CA GLY A 55 -14.18 -1.20 -8.13
C GLY A 55 -13.04 -0.77 -9.06
N HIS A 56 -11.87 -1.36 -8.86
CA HIS A 56 -10.73 -1.21 -9.75
C HIS A 56 -10.62 -2.32 -10.78
N GLY A 57 -11.64 -3.17 -10.86
CA GLY A 57 -11.67 -4.26 -11.81
C GLY A 57 -11.95 -5.59 -11.14
N THR A 58 -12.17 -6.58 -11.98
CA THR A 58 -12.31 -7.96 -11.56
C THR A 58 -11.31 -8.78 -12.34
N ARG A 59 -11.02 -9.97 -11.84
CA ARG A 59 -10.04 -10.85 -12.48
C ARG A 59 -10.61 -12.26 -12.49
N TYR A 60 -10.42 -12.96 -13.60
CA TYR A 60 -10.97 -14.31 -13.74
C TYR A 60 -9.94 -15.23 -14.37
N ALA A 61 -9.76 -16.39 -13.76
CA ALA A 61 -8.93 -17.43 -14.38
C ALA A 61 -9.52 -17.82 -15.73
N ASP A 62 -8.63 -18.25 -16.64
CA ASP A 62 -9.11 -18.69 -17.94
C ASP A 62 -10.10 -19.83 -17.80
N SER A 63 -9.82 -20.75 -16.87
CA SER A 63 -10.66 -21.94 -16.68
C SER A 63 -12.12 -21.61 -16.46
N VAL A 64 -12.43 -20.42 -15.94
CA VAL A 64 -13.76 -20.14 -15.44
C VAL A 64 -14.31 -18.79 -15.91
N LYS A 65 -13.61 -18.11 -16.81
CA LYS A 65 -14.11 -16.84 -17.31
CA LYS A 65 -14.10 -16.85 -17.33
C LYS A 65 -15.44 -17.05 -18.02
N GLY A 66 -16.36 -16.11 -17.84
CA GLY A 66 -17.64 -16.21 -18.52
C GLY A 66 -18.67 -17.10 -17.86
N ARG A 67 -18.25 -18.03 -17.00
CA ARG A 67 -19.13 -18.88 -16.22
C ARG A 67 -19.22 -18.48 -14.74
N PHE A 68 -18.14 -17.92 -14.20
CA PHE A 68 -18.09 -17.48 -12.82
C PHE A 68 -18.17 -15.96 -12.77
N THR A 69 -18.80 -15.45 -11.72
CA THR A 69 -18.91 -14.02 -11.50
C THR A 69 -18.72 -13.71 -10.02
N ILE A 70 -17.78 -12.80 -9.73
CA ILE A 70 -17.44 -12.41 -8.37
C ILE A 70 -18.01 -11.03 -8.11
N SER A 71 -18.46 -10.79 -6.89
CA SER A 71 -19.06 -9.50 -6.61
C SER A 71 -18.98 -9.19 -5.13
N ARG A 72 -19.15 -7.91 -4.81
CA ARG A 72 -19.01 -7.41 -3.45
C ARG A 72 -20.34 -6.88 -2.97
N ASP A 73 -20.77 -7.28 -1.79
CA ASP A 73 -21.89 -6.61 -1.14
C ASP A 73 -21.33 -5.84 0.05
N ASN A 74 -21.19 -4.52 -0.13
CA ASN A 74 -20.67 -3.67 0.96
C ASN A 74 -21.61 -3.58 2.13
N ALA A 75 -22.90 -3.90 1.95
CA ALA A 75 -23.78 -3.81 3.11
C ALA A 75 -23.60 -5.02 4.01
N LYS A 76 -23.60 -6.21 3.40
CA LYS A 76 -23.40 -7.45 4.15
C LYS A 76 -21.93 -7.75 4.40
N ASN A 77 -21.02 -6.88 3.95
CA ASN A 77 -19.59 -7.13 4.06
C ASN A 77 -19.26 -8.54 3.58
N THR A 78 -19.69 -8.86 2.35
CA THR A 78 -19.62 -10.22 1.86
C THR A 78 -19.20 -10.21 0.40
N VAL A 79 -18.33 -11.13 0.02
CA VAL A 79 -17.94 -11.34 -1.38
C VAL A 79 -18.60 -12.63 -1.87
N TYR A 80 -19.28 -12.56 -3.01
CA TYR A 80 -19.99 -13.69 -3.58
C TYR A 80 -19.28 -14.21 -4.84
N LEU A 81 -19.43 -15.52 -5.08
CA LEU A 81 -18.91 -16.16 -6.30
C LEU A 81 -20.01 -17.00 -6.94
N GLN A 82 -20.66 -16.44 -7.96
CA GLN A 82 -21.70 -17.14 -8.70
C GLN A 82 -21.04 -18.15 -9.63
N MET A 83 -21.51 -19.40 -9.57
CA MET A 83 -20.94 -20.49 -10.33
C MET A 83 -22.01 -21.09 -11.23
N ASN A 84 -21.82 -20.92 -12.53
CA ASN A 84 -22.74 -21.32 -13.57
C ASN A 84 -22.04 -22.23 -14.55
N SER A 85 -22.83 -22.97 -15.33
CA SER A 85 -22.30 -23.91 -16.32
C SER A 85 -21.22 -24.76 -15.70
N LEU A 86 -21.56 -25.41 -14.60
CA LEU A 86 -20.56 -26.09 -13.81
C LEU A 86 -20.04 -27.35 -14.52
N LYS A 87 -18.77 -27.38 -14.79
CA LYS A 87 -18.14 -28.56 -15.32
C LYS A 87 -17.68 -29.44 -14.17
N PRO A 88 -17.36 -30.70 -14.43
CA PRO A 88 -16.96 -31.58 -13.31
C PRO A 88 -15.56 -31.32 -12.79
N GLU A 89 -14.64 -30.82 -13.65
CA GLU A 89 -13.31 -30.45 -13.19
C GLU A 89 -13.34 -29.22 -12.28
N ASP A 90 -14.49 -28.56 -12.15
CA ASP A 90 -14.68 -27.53 -11.14
C ASP A 90 -14.83 -28.12 -9.73
N THR A 91 -14.81 -29.44 -9.57
CA THR A 91 -14.91 -30.03 -8.24
C THR A 91 -13.64 -29.72 -7.47
N ALA A 92 -13.80 -29.00 -6.37
CA ALA A 92 -12.67 -28.68 -5.50
C ALA A 92 -13.22 -28.18 -4.17
N VAL A 93 -12.31 -27.80 -3.28
CA VAL A 93 -12.66 -27.04 -2.08
C VAL A 93 -12.37 -25.58 -2.39
N TYR A 94 -13.25 -24.68 -1.95
CA TYR A 94 -13.15 -23.28 -2.32
C TYR A 94 -12.84 -22.42 -1.09
N TYR A 95 -11.91 -21.49 -1.27
CA TYR A 95 -11.33 -20.71 -0.21
C TYR A 95 -11.31 -19.25 -0.62
N CYS A 96 -11.70 -18.36 0.29
CA CYS A 96 -11.53 -16.92 0.06
C CYS A 96 -10.41 -16.34 0.93
N ASN A 97 -9.81 -15.25 0.45
CA ASN A 97 -8.67 -14.62 1.08
C ASN A 97 -8.69 -13.11 0.87
N VAL A 98 -8.11 -12.36 1.81
CA VAL A 98 -7.91 -10.92 1.66
C VAL A 98 -6.46 -10.66 1.30
N LYS A 99 -6.23 -9.89 0.26
CA LYS A 99 -4.85 -9.52 -0.06
C LYS A 99 -4.53 -8.23 0.70
N ASP A 100 -4.34 -8.39 2.01
CA ASP A 100 -4.13 -7.28 2.95
C ASP A 100 -2.67 -6.86 3.08
N ASP A 101 -1.71 -7.73 2.69
CA ASP A 101 -0.27 -7.39 2.67
C ASP A 101 0.21 -7.02 4.06
N GLY A 102 -0.22 -7.78 5.05
CA GLY A 102 0.19 -7.50 6.41
C GLY A 102 -0.45 -6.30 7.05
N GLN A 103 -1.41 -5.63 6.39
CA GLN A 103 -1.95 -4.40 6.95
C GLN A 103 -2.98 -4.64 8.05
N LEU A 104 -3.14 -5.88 8.53
CA LEU A 104 -3.96 -6.13 9.71
C LEU A 104 -3.43 -7.36 10.45
N ALA A 105 -3.67 -7.39 11.76
CA ALA A 105 -3.21 -8.50 12.61
C ALA A 105 -4.17 -9.66 12.41
N TYR A 106 -3.79 -10.57 11.51
CA TYR A 106 -4.72 -11.43 10.81
C TYR A 106 -4.80 -12.84 11.38
N HIS A 107 -3.67 -13.46 11.74
CA HIS A 107 -3.58 -14.92 11.79
C HIS A 107 -3.82 -15.47 10.37
N TYR A 108 -2.88 -15.12 9.47
CA TYR A 108 -3.21 -14.99 8.05
C TYR A 108 -3.86 -16.26 7.49
N ASP A 109 -3.15 -17.38 7.48
CA ASP A 109 -3.66 -18.55 6.77
C ASP A 109 -4.61 -19.33 7.66
N TYR A 110 -5.91 -19.23 7.35
CA TYR A 110 -6.97 -20.13 7.80
C TYR A 110 -8.24 -19.74 7.05
N GLN A 113 -11.47 -22.00 6.73
CA GLN A 113 -11.69 -23.45 6.70
C GLN A 113 -11.92 -23.98 5.27
N GLY A 114 -12.81 -23.33 4.54
CA GLY A 114 -13.09 -23.66 3.16
C GLY A 114 -14.45 -24.34 3.01
N THR A 115 -14.91 -24.43 1.75
CA THR A 115 -16.17 -25.07 1.41
C THR A 115 -16.02 -25.95 0.18
N GLN A 116 -16.60 -27.15 0.25
CA GLN A 116 -16.46 -28.17 -0.77
C GLN A 116 -17.57 -28.04 -1.80
N VAL A 117 -17.20 -28.09 -3.07
CA VAL A 117 -18.12 -28.10 -4.20
C VAL A 117 -17.87 -29.33 -5.03
N THR A 118 -18.94 -30.07 -5.34
CA THR A 118 -18.82 -31.33 -6.07
C THR A 118 -19.74 -31.32 -7.29
N VAL A 119 -19.17 -31.58 -8.46
CA VAL A 119 -19.93 -31.56 -9.72
C VAL A 119 -19.86 -32.95 -10.34
N SER A 120 -21.04 -33.56 -10.57
CA SER A 120 -21.16 -34.92 -11.08
C SER A 120 -20.91 -34.97 -12.59
N ALA A 121 -20.77 -36.19 -13.11
CA ALA A 121 -20.65 -36.39 -14.55
C ALA A 121 -22.00 -36.38 -15.25
N GLY A 122 -23.02 -36.97 -14.62
CA GLY A 122 -24.34 -37.09 -15.22
C GLY A 122 -24.76 -38.52 -15.52
N THR B 7 16.99 37.74 5.43
CA THR B 7 15.91 38.56 5.97
C THR B 7 14.57 37.78 6.05
N ASN B 8 14.27 37.02 5.00
CA ASN B 8 13.04 36.23 4.91
C ASN B 8 13.23 34.88 5.59
N LEU B 9 12.31 34.52 6.48
CA LEU B 9 12.36 33.23 7.13
C LEU B 9 11.75 32.15 6.24
N CYS B 10 12.45 31.03 6.10
CA CYS B 10 11.98 29.95 5.24
C CYS B 10 10.65 29.39 5.76
N PRO B 11 9.66 29.13 4.87
CA PRO B 11 8.30 28.76 5.32
C PRO B 11 8.18 27.28 5.68
N PHE B 12 8.83 26.89 6.77
CA PHE B 12 8.77 25.50 7.15
C PHE B 12 7.42 25.10 7.71
N GLY B 13 6.61 26.07 8.17
CA GLY B 13 5.28 25.74 8.65
C GLY B 13 4.39 25.19 7.54
N GLU B 14 4.53 25.71 6.32
CA GLU B 14 3.71 25.22 5.21
C GLU B 14 3.94 23.74 4.92
N VAL B 15 5.10 23.20 5.30
CA VAL B 15 5.44 21.80 5.09
C VAL B 15 5.06 20.97 6.31
N PHE B 16 5.64 21.32 7.47
CA PHE B 16 5.47 20.50 8.67
C PHE B 16 4.04 20.60 9.20
N ASN B 17 3.34 21.69 8.92
CA ASN B 17 2.04 21.96 9.52
C ASN B 17 0.94 21.97 8.45
N ALA B 18 1.15 21.23 7.37
CA ALA B 18 0.18 21.18 6.29
C ALA B 18 -1.10 20.47 6.76
N THR B 19 -2.23 20.86 6.18
CA THR B 19 -3.49 20.27 6.61
C THR B 19 -3.60 18.81 6.17
N ARG B 20 -3.39 18.54 4.87
CA ARG B 20 -3.40 17.19 4.33
C ARG B 20 -1.98 16.74 4.00
N PHE B 21 -1.78 15.42 3.95
CA PHE B 21 -0.48 14.84 3.65
C PHE B 21 -0.63 13.82 2.53
N ALA B 22 0.36 13.79 1.63
CA ALA B 22 0.31 12.88 0.50
C ALA B 22 0.48 11.45 0.96
N SER B 23 -0.12 10.52 0.20
CA SER B 23 0.31 9.13 0.25
C SER B 23 1.74 9.01 -0.27
N VAL B 24 2.45 8.02 0.24
CA VAL B 24 3.87 7.97 -0.05
C VAL B 24 4.11 7.77 -1.53
N TYR B 25 3.25 6.97 -2.19
CA TYR B 25 3.46 6.70 -3.61
C TYR B 25 3.43 7.99 -4.42
N ALA B 26 2.63 8.96 -3.97
CA ALA B 26 2.52 10.26 -4.62
C ALA B 26 3.07 11.35 -3.72
N TRP B 27 4.28 11.14 -3.20
CA TRP B 27 4.89 12.05 -2.22
C TRP B 27 5.00 13.47 -2.72
N ASN B 28 4.71 14.41 -1.84
CA ASN B 28 4.72 15.82 -2.18
C ASN B 28 6.12 16.41 -2.08
N ARG B 29 6.42 17.38 -2.94
CA ARG B 29 7.73 18.05 -2.93
C ARG B 29 7.55 19.57 -2.99
N LYS B 30 8.27 20.26 -2.12
CA LYS B 30 8.28 21.72 -2.05
C LYS B 30 9.73 22.17 -2.07
N ARG B 31 10.07 23.03 -3.01
CA ARG B 31 11.40 23.61 -3.07
C ARG B 31 11.41 24.89 -2.23
N ILE B 32 12.50 25.11 -1.50
CA ILE B 32 12.64 26.34 -0.73
C ILE B 32 14.01 26.96 -0.98
N SER B 33 14.01 28.28 -1.18
CA SER B 33 15.19 29.07 -1.51
C SER B 33 14.85 30.55 -1.27
N ASN B 34 15.87 31.40 -1.41
CA ASN B 34 15.75 32.84 -1.20
C ASN B 34 15.17 33.15 0.18
N CYS B 35 15.72 32.49 1.20
CA CYS B 35 15.20 32.61 2.56
C CYS B 35 16.24 32.08 3.54
N VAL B 36 15.95 32.26 4.84
CA VAL B 36 16.88 31.96 5.92
C VAL B 36 16.22 30.97 6.88
N ALA B 37 16.95 29.91 7.23
CA ALA B 37 16.42 28.80 8.01
C ALA B 37 17.24 28.61 9.28
N ASP B 38 16.55 28.49 10.40
CA ASP B 38 17.18 28.16 11.68
C ASP B 38 16.83 26.70 11.98
N TYR B 39 17.72 25.78 11.60
CA TYR B 39 17.38 24.36 11.73
C TYR B 39 17.26 23.90 13.17
N SER B 40 17.60 24.74 14.15
CA SER B 40 17.47 24.28 15.52
C SER B 40 16.14 24.66 16.16
N VAL B 41 15.41 25.65 15.66
CA VAL B 41 14.04 25.79 16.16
C VAL B 41 13.29 24.49 15.92
N LEU B 42 13.55 23.82 14.79
CA LEU B 42 12.97 22.51 14.51
C LEU B 42 13.64 21.42 15.32
N TYR B 43 14.96 21.24 15.12
CA TYR B 43 15.70 20.14 15.77
C TYR B 43 15.49 20.12 17.28
N ASN B 44 15.20 21.27 17.89
CA ASN B 44 15.01 21.37 19.33
C ASN B 44 13.55 21.51 19.73
N SER B 45 12.64 21.50 18.76
CA SER B 45 11.23 21.28 19.07
C SER B 45 11.03 19.86 19.59
N ALA B 46 10.20 19.71 20.63
CA ALA B 46 9.92 18.38 21.19
C ALA B 46 8.85 17.61 20.40
N SER B 47 8.35 18.15 19.30
CA SER B 47 7.27 17.48 18.59
C SER B 47 7.77 16.22 17.86
N PHE B 48 8.98 16.26 17.33
CA PHE B 48 9.44 15.24 16.39
C PHE B 48 10.01 14.01 17.10
N SER B 49 9.57 12.85 16.66
CA SER B 49 10.00 11.59 17.25
C SER B 49 11.26 11.05 16.59
N THR B 50 11.57 11.53 15.39
CA THR B 50 12.75 11.13 14.65
C THR B 50 13.28 12.37 13.95
N PHE B 51 14.59 12.61 14.09
CA PHE B 51 15.26 13.76 13.46
C PHE B 51 16.72 13.36 13.18
N LYS B 52 16.93 12.60 12.11
CA LYS B 52 18.24 12.07 11.79
C LYS B 52 18.76 12.66 10.48
N CYS B 53 20.08 12.87 10.41
CA CYS B 53 20.69 13.36 9.19
C CYS B 53 21.80 12.42 8.72
N TYR B 54 22.28 12.72 7.50
CA TYR B 54 23.13 11.85 6.72
C TYR B 54 24.06 12.74 5.90
N GLY B 55 25.37 12.47 5.96
CA GLY B 55 26.34 13.25 5.20
C GLY B 55 26.58 14.64 5.77
N VAL B 56 25.73 15.01 6.72
CA VAL B 56 25.84 16.28 7.42
C VAL B 56 25.46 15.96 8.85
N SER B 57 25.66 16.91 9.76
CA SER B 57 25.28 16.58 11.12
C SER B 57 24.23 17.54 11.65
N PRO B 58 23.27 17.04 12.44
CA PRO B 58 22.17 17.91 12.91
C PRO B 58 22.67 19.14 13.63
N THR B 59 23.78 18.98 14.36
CA THR B 59 24.33 20.06 15.16
C THR B 59 24.65 21.29 14.30
N LYS B 60 25.46 21.10 13.25
CA LYS B 60 26.04 22.20 12.51
C LYS B 60 25.18 22.70 11.36
N LEU B 61 23.88 22.38 11.38
CA LEU B 61 23.04 22.62 10.20
C LEU B 61 23.00 24.10 9.83
N ASN B 62 23.11 25.00 10.81
CA ASN B 62 23.01 26.42 10.51
C ASN B 62 24.30 27.00 9.94
N ASP B 63 25.44 26.36 10.18
CA ASP B 63 26.69 26.86 9.61
C ASP B 63 26.76 26.59 8.12
N LEU B 64 25.91 25.71 7.60
CA LEU B 64 25.91 25.36 6.19
C LEU B 64 25.02 26.29 5.38
N CYS B 65 25.22 26.28 4.06
CA CYS B 65 24.57 27.17 3.11
C CYS B 65 24.37 26.45 1.79
N PHE B 66 23.14 26.42 1.29
CA PHE B 66 22.86 25.61 0.12
C PHE B 66 22.23 26.41 -1.02
N THR B 67 22.36 25.86 -2.23
CA THR B 67 21.71 26.45 -3.40
C THR B 67 20.20 26.35 -3.27
N ASN B 68 19.68 25.13 -3.10
CA ASN B 68 18.28 24.96 -2.78
C ASN B 68 18.10 23.79 -1.82
N VAL B 69 16.97 23.82 -1.13
CA VAL B 69 16.54 22.77 -0.22
C VAL B 69 15.19 22.27 -0.69
N TYR B 70 15.03 20.95 -0.73
CA TYR B 70 13.78 20.31 -1.12
C TYR B 70 13.16 19.63 0.08
N ALA B 71 11.86 19.89 0.29
CA ALA B 71 11.08 19.26 1.36
C ALA B 71 10.09 18.27 0.74
N ASP B 72 10.31 16.98 1.01
CA ASP B 72 9.43 15.92 0.55
C ASP B 72 8.66 15.37 1.74
N SER B 73 7.34 15.29 1.61
CA SER B 73 6.49 14.90 2.73
C SER B 73 5.47 13.86 2.29
N PHE B 74 5.08 13.01 3.25
CA PHE B 74 4.21 11.89 2.98
C PHE B 74 3.90 11.15 4.28
N VAL B 75 3.03 10.14 4.22
CA VAL B 75 2.65 9.34 5.38
C VAL B 75 3.01 7.88 5.11
N ILE B 76 3.65 7.23 6.09
CA ILE B 76 3.88 5.80 6.05
C ILE B 76 3.61 5.23 7.43
N ARG B 77 3.79 3.91 7.58
CA ARG B 77 3.74 3.24 8.87
C ARG B 77 4.98 3.54 9.70
N GLY B 78 4.86 3.36 11.01
CA GLY B 78 6.02 3.51 11.86
C GLY B 78 7.09 2.48 11.57
N ASP B 79 6.66 1.28 11.20
CA ASP B 79 7.54 0.20 10.78
C ASP B 79 8.49 0.58 9.66
N GLU B 80 8.16 1.61 8.88
CA GLU B 80 8.83 1.86 7.62
C GLU B 80 9.68 3.12 7.64
N VAL B 81 9.74 3.83 8.77
CA VAL B 81 10.66 4.95 8.89
C VAL B 81 12.11 4.49 8.67
N ARG B 82 12.45 3.25 9.05
CA ARG B 82 13.76 2.69 8.72
C ARG B 82 14.07 2.74 7.23
N GLN B 83 13.05 2.76 6.38
CA GLN B 83 13.34 2.69 4.96
C GLN B 83 13.67 4.05 4.37
N ILE B 84 13.28 5.12 5.04
CA ILE B 84 13.59 6.46 4.54
C ILE B 84 15.02 6.82 4.94
N ALA B 85 15.98 6.29 4.20
CA ALA B 85 17.39 6.27 4.56
C ALA B 85 18.20 5.78 3.36
N PRO B 86 19.46 6.20 3.23
CA PRO B 86 20.28 5.69 2.13
C PRO B 86 20.57 4.21 2.34
N GLY B 87 20.61 3.48 1.23
CA GLY B 87 21.04 2.10 1.29
C GLY B 87 20.09 1.16 1.97
N GLN B 88 18.79 1.41 1.87
CA GLN B 88 17.73 0.59 2.46
C GLN B 88 16.94 -0.09 1.36
N THR B 89 16.31 -1.23 1.70
CA THR B 89 15.37 -1.90 0.79
C THR B 89 14.09 -2.30 1.51
N GLY B 90 13.07 -2.63 0.72
CA GLY B 90 11.71 -2.86 1.20
C GLY B 90 10.69 -2.13 0.34
N LYS B 91 9.39 -2.43 0.51
CA LYS B 91 8.40 -1.91 -0.44
C LYS B 91 8.48 -0.39 -0.58
N ILE B 92 8.84 0.32 0.49
CA ILE B 92 8.76 1.77 0.46
C ILE B 92 9.96 2.34 -0.27
N ALA B 93 11.16 1.93 0.16
CA ALA B 93 12.38 2.30 -0.51
C ALA B 93 12.42 1.78 -1.94
N ASP B 94 11.84 0.61 -2.18
CA ASP B 94 11.93 -0.03 -3.50
C ASP B 94 10.93 0.55 -4.49
N TYR B 95 9.70 0.74 -4.07
CA TYR B 95 8.62 1.09 -4.98
C TYR B 95 8.03 2.46 -4.74
N ASN B 96 8.35 3.14 -3.64
CA ASN B 96 7.67 4.38 -3.28
C ASN B 96 8.61 5.56 -3.14
N TYR B 97 9.56 5.54 -2.20
CA TYR B 97 10.43 6.70 -1.97
C TYR B 97 11.86 6.21 -1.77
N LYS B 98 12.72 6.51 -2.74
CA LYS B 98 14.11 6.06 -2.73
C LYS B 98 15.03 7.25 -2.50
N LEU B 99 15.95 7.16 -1.45
CA LEU B 99 17.04 8.11 -1.36
C LEU B 99 18.31 7.53 -1.99
N PRO B 100 19.20 8.38 -2.50
CA PRO B 100 20.48 7.91 -3.04
C PRO B 100 21.44 7.47 -1.93
N ASP B 101 22.46 6.70 -2.33
CA ASP B 101 23.41 6.21 -1.32
C ASP B 101 24.32 7.31 -0.81
N ASP B 102 24.51 8.36 -1.61
CA ASP B 102 25.23 9.57 -1.19
CA ASP B 102 25.24 9.56 -1.17
C ASP B 102 24.25 10.65 -0.78
N PHE B 103 23.30 10.29 0.08
CA PHE B 103 22.25 11.22 0.47
C PHE B 103 22.81 12.21 1.49
N THR B 104 22.57 13.49 1.24
CA THR B 104 22.90 14.57 2.16
CA THR B 104 22.91 14.56 2.18
C THR B 104 21.61 15.29 2.52
N GLY B 105 21.21 15.23 3.77
CA GLY B 105 19.98 15.85 4.20
C GLY B 105 19.44 15.16 5.45
N CYS B 106 18.18 15.44 5.76
CA CYS B 106 17.65 15.00 7.05
C CYS B 106 16.27 14.38 6.91
N VAL B 107 16.07 13.31 7.67
CA VAL B 107 14.79 12.61 7.75
C VAL B 107 14.14 12.96 9.09
N ILE B 108 12.95 13.55 9.04
CA ILE B 108 12.22 13.98 10.23
C ILE B 108 10.83 13.35 10.22
N ALA B 109 10.48 12.66 11.33
CA ALA B 109 9.23 11.91 11.37
C ALA B 109 8.55 12.05 12.74
N TRP B 110 7.21 12.05 12.71
CA TRP B 110 6.47 12.06 13.96
C TRP B 110 5.18 11.27 13.87
N ASN B 111 4.80 10.66 14.98
CA ASN B 111 3.59 9.83 15.00
C ASN B 111 2.36 10.71 14.81
N SER B 112 1.42 10.26 13.96
CA SER B 112 0.25 11.07 13.63
C SER B 112 -1.05 10.29 13.78
N ASN B 113 -1.08 9.29 14.68
CA ASN B 113 -2.31 8.54 14.93
C ASN B 113 -3.48 9.46 15.20
N ASN B 114 -3.24 10.55 15.94
CA ASN B 114 -4.35 11.41 16.34
C ASN B 114 -5.02 12.09 15.16
N LEU B 115 -4.33 12.28 14.03
CA LEU B 115 -4.99 12.84 12.85
C LEU B 115 -5.37 11.82 11.81
N ASP B 116 -4.50 10.83 11.58
CA ASP B 116 -4.53 10.01 10.37
C ASP B 116 -5.20 8.66 10.59
N SER B 117 -5.75 8.37 11.76
CA SER B 117 -6.64 7.21 11.89
C SER B 117 -8.04 7.66 12.30
N LYS B 118 -9.03 6.75 12.13
CA LYS B 118 -10.43 6.98 12.56
C LYS B 118 -10.98 5.73 13.19
N VAL B 119 -12.03 5.86 14.00
CA VAL B 119 -12.75 4.66 14.43
C VAL B 119 -13.27 3.94 13.20
N GLY B 120 -13.10 2.62 13.17
CA GLY B 120 -13.38 1.84 11.99
C GLY B 120 -12.23 1.76 11.01
N GLY B 121 -11.35 2.74 11.02
CA GLY B 121 -10.11 2.63 10.28
C GLY B 121 -10.10 3.67 9.20
N ASN B 122 -8.91 4.19 8.92
CA ASN B 122 -8.69 5.08 7.80
C ASN B 122 -7.88 4.34 6.75
N TYR B 123 -8.43 4.28 5.53
CA TYR B 123 -7.85 3.58 4.39
C TYR B 123 -7.60 4.53 3.23
N ASN B 124 -7.55 5.83 3.51
CA ASN B 124 -7.32 6.79 2.44
C ASN B 124 -5.88 6.86 1.98
N TYR B 125 -4.92 6.33 2.74
CA TYR B 125 -3.52 6.41 2.37
C TYR B 125 -3.14 5.16 1.59
N LEU B 126 -2.33 5.35 0.55
CA LEU B 126 -1.95 4.27 -0.35
C LEU B 126 -0.43 4.15 -0.44
N TYR B 127 0.04 2.92 -0.62
CA TYR B 127 1.40 2.67 -1.07
C TYR B 127 1.40 1.75 -2.28
N ARG B 128 2.40 1.93 -3.13
CA ARG B 128 2.58 1.04 -4.29
C ARG B 128 3.14 -0.30 -3.83
N LEU B 129 2.43 -1.37 -4.16
CA LEU B 129 2.82 -2.72 -3.81
C LEU B 129 3.58 -3.44 -4.91
N PHE B 130 3.49 -2.95 -6.14
CA PHE B 130 3.97 -3.69 -7.30
C PHE B 130 4.58 -2.73 -8.31
N ARG B 131 5.80 -3.06 -8.74
CA ARG B 131 6.49 -2.31 -9.79
C ARG B 131 7.47 -3.24 -10.48
N LYS B 132 7.65 -3.02 -11.80
CA LYS B 132 8.51 -3.91 -12.58
C LYS B 132 9.96 -3.77 -12.15
N SER B 133 10.37 -2.55 -11.78
CA SER B 133 11.74 -2.25 -11.37
C SER B 133 11.74 -1.41 -10.10
N ASN B 134 12.87 -1.41 -9.42
CA ASN B 134 13.04 -0.51 -8.29
C ASN B 134 13.16 0.94 -8.78
N LEU B 135 12.79 1.85 -7.89
CA LEU B 135 12.80 3.28 -8.19
C LEU B 135 14.24 3.83 -8.16
N LYS B 136 14.55 4.69 -9.12
CA LYS B 136 15.76 5.48 -9.05
C LYS B 136 15.59 6.55 -7.97
N PRO B 137 16.68 7.04 -7.39
CA PRO B 137 16.58 8.07 -6.34
C PRO B 137 15.75 9.26 -6.76
N PHE B 138 14.80 9.62 -5.91
CA PHE B 138 13.87 10.74 -6.09
C PHE B 138 12.91 10.56 -7.26
N GLU B 139 12.82 9.34 -7.80
CA GLU B 139 11.81 9.06 -8.80
C GLU B 139 10.45 8.97 -8.14
N ARG B 140 9.41 9.26 -8.91
CA ARG B 140 8.05 9.32 -8.37
C ARG B 140 7.10 8.75 -9.41
N ASP B 141 6.53 7.59 -9.11
CA ASP B 141 5.61 6.89 -10.02
C ASP B 141 4.19 6.96 -9.46
N ILE B 142 3.28 7.61 -10.20
CA ILE B 142 1.87 7.60 -9.81
C ILE B 142 1.00 6.86 -10.83
N SER B 143 1.57 5.84 -11.46
CA SER B 143 0.85 4.99 -12.41
C SER B 143 -0.22 4.18 -11.71
N THR B 144 -1.30 3.91 -12.44
CA THR B 144 -2.29 2.92 -12.02
C THR B 144 -2.41 1.80 -13.06
N GLU B 145 -1.31 1.49 -13.76
CA GLU B 145 -1.36 0.42 -14.73
C GLU B 145 -1.42 -0.92 -14.02
N ILE B 146 -2.23 -1.82 -14.58
CA ILE B 146 -2.33 -3.18 -14.10
C ILE B 146 -0.97 -3.84 -14.19
N TYR B 147 -0.55 -4.45 -13.09
CA TYR B 147 0.76 -5.08 -13.01
C TYR B 147 0.64 -6.57 -13.33
N GLN B 148 1.51 -7.05 -14.21
CA GLN B 148 1.50 -8.46 -14.62
C GLN B 148 2.54 -9.22 -13.80
N ALA B 149 2.04 -10.12 -12.97
CA ALA B 149 2.86 -11.04 -12.19
C ALA B 149 2.93 -12.37 -12.93
N GLY B 150 4.15 -12.84 -13.16
CA GLY B 150 4.29 -14.02 -13.98
C GLY B 150 4.07 -13.66 -15.44
N SER B 151 3.93 -14.69 -16.27
CA SER B 151 4.00 -14.51 -17.72
C SER B 151 2.67 -14.68 -18.45
N THR B 152 1.64 -15.19 -17.80
CA THR B 152 0.30 -15.08 -18.35
C THR B 152 0.00 -13.61 -18.56
N PRO B 153 -0.26 -13.16 -19.79
CA PRO B 153 -0.48 -11.72 -20.03
C PRO B 153 -1.78 -11.24 -19.41
N CYS B 154 -1.85 -9.92 -19.22
CA CYS B 154 -3.00 -9.25 -18.62
C CYS B 154 -3.70 -8.29 -19.57
N ASN B 155 -2.99 -7.78 -20.58
CA ASN B 155 -3.55 -6.89 -21.59
C ASN B 155 -4.86 -7.45 -22.13
N GLY B 156 -5.87 -6.59 -22.24
CA GLY B 156 -7.19 -7.07 -22.62
C GLY B 156 -7.77 -7.88 -21.49
N VAL B 157 -8.39 -9.02 -21.83
CA VAL B 157 -8.99 -9.89 -20.83
C VAL B 157 -7.94 -10.23 -19.78
N GLU B 158 -8.31 -10.08 -18.51
CA GLU B 158 -7.35 -10.02 -17.42
C GLU B 158 -7.54 -11.23 -16.50
N GLY B 159 -6.43 -11.93 -16.22
CA GLY B 159 -6.44 -13.14 -15.44
C GLY B 159 -6.27 -12.89 -13.97
N PHE B 160 -5.98 -13.97 -13.24
CA PHE B 160 -5.89 -13.86 -11.79
C PHE B 160 -4.58 -13.20 -11.36
N ASN B 161 -3.49 -13.47 -12.06
CA ASN B 161 -2.17 -12.95 -11.75
CA ASN B 161 -2.23 -12.90 -11.62
C ASN B 161 -2.01 -11.49 -12.20
N CYS B 162 -3.07 -10.70 -12.19
CA CYS B 162 -3.04 -9.32 -12.69
C CYS B 162 -3.55 -8.39 -11.61
N TYR B 163 -2.72 -7.43 -11.22
CA TYR B 163 -2.92 -6.75 -9.95
C TYR B 163 -3.01 -5.24 -10.14
N PHE B 164 -3.98 -4.63 -9.45
CA PHE B 164 -3.98 -3.18 -9.33
C PHE B 164 -2.81 -2.78 -8.45
N PRO B 165 -1.96 -1.86 -8.89
CA PRO B 165 -0.67 -1.69 -8.23
C PRO B 165 -0.72 -1.08 -6.82
N LEU B 166 -1.76 -0.33 -6.44
CA LEU B 166 -1.71 0.44 -5.21
C LEU B 166 -2.50 -0.26 -4.10
N GLN B 167 -2.02 -0.13 -2.87
CA GLN B 167 -2.55 -0.85 -1.72
C GLN B 167 -2.89 0.13 -0.61
N SER B 168 -4.03 -0.09 0.04
CA SER B 168 -4.47 0.77 1.12
C SER B 168 -3.78 0.42 2.43
N TYR B 169 -3.46 1.44 3.22
CA TYR B 169 -3.03 1.25 4.59
C TYR B 169 -4.27 1.10 5.45
N GLY B 170 -4.22 0.22 6.43
CA GLY B 170 -5.33 0.14 7.37
C GLY B 170 -5.02 0.74 8.73
N PHE B 171 -5.21 2.05 8.86
CA PHE B 171 -4.81 2.77 10.07
C PHE B 171 -5.94 2.78 11.10
N GLN B 172 -5.91 1.81 12.02
CA GLN B 172 -6.82 1.63 13.16
C GLN B 172 -6.27 2.33 14.39
N PRO B 173 -7.10 3.09 15.11
CA PRO B 173 -6.60 3.81 16.30
C PRO B 173 -5.88 2.94 17.30
N THR B 174 -6.36 1.72 17.51
CA THR B 174 -5.85 0.82 18.55
C THR B 174 -4.64 0.02 18.11
N ASN B 175 -4.11 0.25 16.93
CA ASN B 175 -3.04 -0.60 16.44
C ASN B 175 -1.71 -0.33 17.14
N GLY B 176 -0.84 -1.34 17.09
CA GLY B 176 0.54 -1.22 17.54
C GLY B 176 1.26 -0.02 16.96
N VAL B 177 2.24 0.51 17.69
CA VAL B 177 2.86 1.76 17.25
C VAL B 177 3.60 1.58 15.92
N GLY B 178 4.03 0.37 15.59
CA GLY B 178 4.63 0.15 14.28
C GLY B 178 3.62 0.23 13.16
N TYR B 179 2.38 -0.15 13.44
CA TYR B 179 1.34 -0.13 12.44
C TYR B 179 0.68 1.23 12.28
N GLN B 180 1.06 2.22 13.08
CA GLN B 180 0.33 3.48 13.09
C GLN B 180 0.94 4.47 12.11
N PRO B 181 0.17 5.47 11.67
CA PRO B 181 0.68 6.38 10.65
C PRO B 181 1.72 7.35 11.24
N TYR B 182 2.70 7.68 10.39
CA TYR B 182 3.72 8.66 10.70
C TYR B 182 3.77 9.65 9.55
N ARG B 183 3.73 10.94 9.86
CA ARG B 183 4.04 11.94 8.84
C ARG B 183 5.55 12.13 8.83
N VAL B 184 6.11 12.21 7.62
CA VAL B 184 7.55 12.20 7.43
C VAL B 184 7.93 13.36 6.53
N VAL B 185 8.97 14.08 6.90
CA VAL B 185 9.54 15.13 6.07
C VAL B 185 11.00 14.79 5.81
N VAL B 186 11.39 14.86 4.53
CA VAL B 186 12.78 14.69 4.13
C VAL B 186 13.25 16.02 3.58
N LEU B 187 14.34 16.54 4.12
CA LEU B 187 14.93 17.78 3.65
C LEU B 187 16.21 17.43 2.90
N SER B 188 16.25 17.71 1.61
CA SER B 188 17.42 17.41 0.79
C SER B 188 18.18 18.71 0.53
N PHE B 189 19.51 18.64 0.70
CA PHE B 189 20.37 19.82 0.64
C PHE B 189 21.14 19.84 -0.67
N GLU B 190 20.73 20.71 -1.58
CA GLU B 190 21.28 20.72 -2.93
C GLU B 190 22.32 21.83 -3.01
N LEU B 191 23.59 21.44 -2.96
CA LEU B 191 24.71 22.36 -3.18
C LEU B 191 25.23 22.19 -4.60
N LEU B 192 25.08 23.25 -5.40
CA LEU B 192 25.33 23.26 -6.84
C LEU B 192 26.67 23.94 -7.13
N HIS B 193 26.79 24.52 -8.33
CA HIS B 193 27.91 25.39 -8.70
C HIS B 193 27.48 26.85 -8.83
N ALA B 194 26.21 27.15 -8.55
CA ALA B 194 25.59 28.47 -8.57
C ALA B 194 25.62 29.04 -7.15
N PRO B 195 25.18 30.28 -6.90
CA PRO B 195 25.29 30.83 -5.54
C PRO B 195 24.30 30.20 -4.57
N ALA B 196 24.56 30.42 -3.28
CA ALA B 196 23.71 29.91 -2.21
C ALA B 196 22.55 30.85 -1.91
N THR B 197 21.39 30.27 -1.57
CA THR B 197 20.19 31.02 -1.26
C THR B 197 19.52 30.65 0.06
N VAL B 198 19.98 29.60 0.74
CA VAL B 198 19.38 29.10 1.98
C VAL B 198 20.52 28.89 2.98
N CYS B 199 20.49 29.64 4.08
CA CYS B 199 21.59 29.83 5.01
C CYS B 199 21.07 29.73 6.45
N GLY B 200 22.00 29.84 7.39
CA GLY B 200 21.65 29.96 8.79
C GLY B 200 21.65 31.40 9.28
N PRO B 201 21.20 31.64 10.51
CA PRO B 201 21.31 32.99 11.08
C PRO B 201 22.76 33.45 11.25
#